data_2YK5
#
_entry.id   2YK5
#
_cell.length_a   85.747
_cell.length_b   124.137
_cell.length_c   41.930
_cell.angle_alpha   90.00
_cell.angle_beta   90.00
_cell.angle_gamma   90.00
#
_symmetry.space_group_name_H-M   'P 21 21 2'
#
loop_
_entity.id
_entity.type
_entity.pdbx_description
1 polymer CMP-N-ACETYLNEURAMINATE-BETA-GALACTOSAMIDE-ALPHA-2,3-SIALYLTRANSFERASE
2 non-polymer "CYTIDINE-5'-MONOPHOSPHATE"
3 non-polymer 'PHOSPHATE ION'
4 non-polymer 'PENTAETHYLENE GLYCOL'
5 non-polymer 'SULFATE ION'
6 non-polymer 1,2-ETHANEDIOL
7 water water
#
_entity_poly.entity_id   1
_entity_poly.type   'polypeptide(L)'
_entity_poly.pdbx_seq_one_letter_code
;PVNLIFCYTILQ(MSE)KVAERI(MSE)AQHPGERFYVVL(MSE)SENRNEKYDYYFNQIKDKAEWAYFFHLPYGLNKSF
NFIPT(MSE)AELKVKA(MSE)LLPKVKRIYLASLEKVSIAAFLSTYPDAEIKTFDDGTINLIQSSSYLGDEFSVNGTIK
RNFAR(MSE)(MSE)IGDWSIAKTRNASDEHYTIFKGLKNI(MSE)DDGRRK(MSE)TYLPLFDASELKAGDETGGTVRI
LLGSPDKE(MSE)KEISEKAAKNFNIQYVAPHPRQTYGLSGVTTLNSPYVIEDYILREIKKNPHTRYEIYTFFSGAALT
(MSE)KDFPNVHVYALKPASLPEDYWLKPVYALFTQSGIPILTFDDKLVPR
;
_entity_poly.pdbx_strand_id   A
#
# COMPACT_ATOMS: atom_id res chain seq x y z
N PRO A 1 16.12 -18.53 -12.58
CA PRO A 1 14.94 -19.13 -13.23
C PRO A 1 14.46 -20.33 -12.37
N VAL A 2 13.42 -20.13 -11.59
CA VAL A 2 13.07 -21.09 -10.55
C VAL A 2 11.74 -21.79 -10.81
N ASN A 3 11.55 -22.89 -10.06
CA ASN A 3 10.31 -23.68 -10.00
C ASN A 3 9.63 -23.43 -8.66
N LEU A 4 8.30 -23.27 -8.68
CA LEU A 4 7.56 -23.12 -7.44
C LEU A 4 6.78 -24.38 -7.18
N ILE A 5 6.64 -24.77 -5.92
CA ILE A 5 5.77 -25.91 -5.53
C ILE A 5 4.93 -25.47 -4.36
N PHE A 6 3.59 -25.58 -4.49
CA PHE A 6 2.65 -25.26 -3.41
C PHE A 6 1.99 -26.51 -2.88
N CYS A 7 2.06 -26.69 -1.56
CA CYS A 7 1.56 -27.92 -0.88
C CYS A 7 0.64 -27.52 0.26
N TYR A 8 -0.39 -28.33 0.55
CA TYR A 8 -1.14 -28.13 1.79
C TYR A 8 -1.35 -29.41 2.58
N THR A 9 -0.68 -30.49 2.21
CA THR A 9 -0.71 -31.69 3.04
C THR A 9 0.67 -32.37 3.15
N ILE A 10 0.78 -33.34 4.06
CA ILE A 10 2.00 -34.13 4.13
C ILE A 10 2.25 -34.96 2.90
N LEU A 11 1.26 -35.67 2.44
CA LEU A 11 1.50 -36.46 1.22
C LEU A 11 1.91 -35.54 0.02
N GLN A 12 1.33 -34.36 -0.09
CA GLN A 12 1.76 -33.39 -1.12
C GLN A 12 3.24 -32.97 -0.94
N LYS A 14 5.49 -34.96 0.25
CA LYS A 14 6.20 -36.12 -0.22
C LYS A 14 6.22 -36.16 -1.75
N VAL A 15 5.14 -35.75 -2.40
CA VAL A 15 5.17 -35.60 -3.87
C VAL A 15 6.19 -34.51 -4.25
N ALA A 16 6.23 -33.40 -3.50
CA ALA A 16 7.20 -32.33 -3.82
C ALA A 16 8.68 -32.81 -3.78
N GLU A 17 9.02 -33.62 -2.77
CA GLU A 17 10.33 -34.27 -2.65
C GLU A 17 10.65 -35.15 -3.80
N ARG A 18 9.67 -35.95 -4.27
CA ARG A 18 9.94 -36.84 -5.41
C ARG A 18 10.20 -36.02 -6.69
N ILE A 19 9.44 -34.94 -6.87
CA ILE A 19 9.58 -34.05 -8.02
C ILE A 19 10.95 -33.37 -7.99
N ALA A 21 13.72 -34.45 -6.30
CA ALA A 21 14.76 -35.45 -6.49
C ALA A 21 14.92 -35.88 -7.96
N GLN A 22 13.85 -35.77 -8.76
CA GLN A 22 13.95 -36.09 -10.20
C GLN A 22 14.49 -34.92 -10.99
N HIS A 23 14.60 -33.76 -10.36
CA HIS A 23 15.13 -32.55 -11.03
C HIS A 23 16.30 -31.97 -10.23
N PRO A 24 17.36 -32.78 -10.06
CA PRO A 24 18.43 -32.35 -9.14
C PRO A 24 19.17 -31.15 -9.67
N GLY A 25 19.04 -30.84 -10.96
CA GLY A 25 19.72 -29.66 -11.49
C GLY A 25 18.92 -28.36 -11.45
N GLU A 26 17.69 -28.39 -10.92
CA GLU A 26 16.78 -27.24 -10.96
C GLU A 26 16.67 -26.54 -9.59
N ARG A 27 16.31 -25.26 -9.63
CA ARG A 27 16.03 -24.53 -8.38
C ARG A 27 14.56 -24.57 -7.98
N PHE A 28 14.34 -24.78 -6.69
CA PHE A 28 13.00 -24.93 -6.11
C PHE A 28 12.74 -24.03 -4.90
N TYR A 29 11.64 -23.28 -4.97
CA TYR A 29 11.09 -22.62 -3.80
C TYR A 29 9.79 -23.33 -3.50
N VAL A 30 9.64 -23.78 -2.26
CA VAL A 30 8.52 -24.59 -1.84
C VAL A 30 7.79 -23.89 -0.71
N VAL A 31 6.46 -23.78 -0.84
CA VAL A 31 5.59 -23.15 0.16
C VAL A 31 4.62 -24.21 0.69
N LEU A 32 4.61 -24.43 1.99
CA LEU A 32 3.57 -25.25 2.60
C LEU A 32 2.55 -24.35 3.24
N SER A 34 -0.67 -24.65 5.78
CA SER A 34 -1.35 -25.64 6.61
C SER A 34 -1.99 -25.05 7.86
N GLU A 35 -3.16 -25.56 8.21
CA GLU A 35 -3.83 -25.15 9.46
C GLU A 35 -3.26 -25.92 10.66
N ASN A 36 -2.47 -26.95 10.40
CA ASN A 36 -1.95 -27.81 11.44
C ASN A 36 -0.45 -27.72 11.46
N ARG A 37 0.09 -27.79 12.66
CA ARG A 37 1.51 -27.94 12.81
C ARG A 37 1.74 -28.90 13.98
N ASN A 38 2.67 -29.84 13.78
CA ASN A 38 3.15 -30.74 14.83
C ASN A 38 4.35 -31.48 14.27
N GLU A 39 4.81 -32.49 15.01
CA GLU A 39 6.06 -33.07 14.65
C GLU A 39 6.02 -33.78 13.31
N LYS A 40 4.84 -34.29 12.92
CA LYS A 40 4.71 -34.93 11.58
C LYS A 40 4.83 -33.87 10.48
N TYR A 41 4.00 -32.83 10.54
CA TYR A 41 4.14 -31.70 9.60
C TYR A 41 5.58 -31.14 9.58
N ASP A 42 6.14 -30.83 10.76
CA ASP A 42 7.52 -30.32 10.84
C ASP A 42 8.56 -31.25 10.23
N TYR A 43 8.37 -32.55 10.43
CA TYR A 43 9.36 -33.53 9.96
C TYR A 43 9.50 -33.46 8.46
N TYR A 44 8.34 -33.44 7.80
CA TYR A 44 8.31 -33.47 6.35
C TYR A 44 8.63 -32.09 5.82
N PHE A 45 8.23 -31.04 6.52
CA PHE A 45 8.60 -29.69 6.10
C PHE A 45 10.13 -29.51 6.15
N ASN A 46 10.78 -30.05 7.18
CA ASN A 46 12.23 -29.89 7.33
C ASN A 46 12.99 -30.65 6.29
N GLN A 47 12.41 -31.76 5.83
CA GLN A 47 13.00 -32.54 4.76
C GLN A 47 13.06 -31.74 3.45
N ILE A 48 11.97 -31.03 3.17
CA ILE A 48 11.85 -30.17 2.00
C ILE A 48 12.75 -28.97 2.16
N LYS A 49 12.67 -28.34 3.33
CA LYS A 49 13.53 -27.21 3.65
C LYS A 49 15.04 -27.50 3.52
N ASP A 50 15.45 -28.75 3.77
CA ASP A 50 16.80 -29.25 3.46
C ASP A 50 17.09 -29.42 1.96
N LYS A 51 16.08 -29.73 1.16
CA LYS A 51 16.36 -30.01 -0.26
C LYS A 51 16.07 -28.82 -1.18
N ALA A 52 15.24 -27.89 -0.73
CA ALA A 52 14.83 -26.79 -1.56
C ALA A 52 15.75 -25.56 -1.35
N GLU A 53 15.93 -24.76 -2.39
CA GLU A 53 16.71 -23.54 -2.25
C GLU A 53 16.07 -22.64 -1.21
N TRP A 54 14.74 -22.67 -1.12
CA TRP A 54 14.01 -21.82 -0.20
C TRP A 54 12.67 -22.50 0.10
N ALA A 55 12.22 -22.45 1.35
CA ALA A 55 10.95 -23.05 1.78
C ALA A 55 10.30 -22.21 2.87
N TYR A 56 8.98 -22.08 2.84
CA TYR A 56 8.26 -21.29 3.81
C TYR A 56 7.00 -22.04 4.23
N PHE A 57 6.68 -21.99 5.53
CA PHE A 57 5.54 -22.68 6.11
C PHE A 57 4.55 -21.60 6.57
N PHE A 58 3.49 -21.34 5.79
CA PHE A 58 2.42 -20.45 6.20
C PHE A 58 1.50 -21.27 7.11
N HIS A 59 1.42 -20.90 8.39
CA HIS A 59 0.57 -21.57 9.36
C HIS A 59 -0.76 -20.82 9.45
N LEU A 60 -1.77 -21.29 8.72
CA LEU A 60 -3.06 -20.63 8.49
C LEU A 60 -4.06 -20.74 9.64
N PRO A 61 -5.03 -19.79 9.71
CA PRO A 61 -6.05 -19.92 10.76
C PRO A 61 -7.03 -21.04 10.41
N TYR A 62 -7.47 -21.76 11.44
CA TYR A 62 -8.34 -22.91 11.26
C TYR A 62 -9.64 -22.48 10.55
N GLY A 63 -10.01 -23.24 9.52
CA GLY A 63 -11.34 -23.12 8.93
C GLY A 63 -11.41 -22.32 7.65
N LEU A 64 -10.27 -21.84 7.18
CA LEU A 64 -10.18 -21.05 5.96
C LEU A 64 -10.52 -21.83 4.66
N ASN A 65 -10.27 -23.15 4.69
CA ASN A 65 -10.49 -24.00 3.52
C ASN A 65 -11.86 -24.71 3.58
N LYS A 66 -12.80 -24.31 2.69
CA LYS A 66 -14.14 -24.95 2.64
C LYS A 66 -14.22 -26.29 1.85
N SER A 67 -13.20 -26.58 1.03
CA SER A 67 -13.14 -27.89 0.37
C SER A 67 -12.34 -28.91 1.16
N PHE A 68 -11.98 -30.00 0.50
CA PHE A 68 -11.45 -31.21 1.15
C PHE A 68 -10.46 -31.88 0.22
N ASN A 69 -9.26 -32.23 0.70
CA ASN A 69 -8.33 -33.00 -0.10
C ASN A 69 -8.61 -34.50 0.00
N PHE A 70 -9.33 -34.90 1.04
CA PHE A 70 -9.70 -36.30 1.25
C PHE A 70 -11.20 -36.36 1.02
N ILE A 71 -11.74 -37.55 0.77
CA ILE A 71 -13.19 -37.72 0.72
C ILE A 71 -13.81 -37.61 2.14
N PRO A 72 -14.64 -36.58 2.40
CA PRO A 72 -15.26 -36.30 3.72
C PRO A 72 -16.36 -37.29 4.12
N THR A 73 -16.46 -37.56 5.43
CA THR A 73 -17.63 -38.29 5.95
C THR A 73 -18.77 -37.26 6.11
N ALA A 75 -20.19 -36.55 8.77
CA ALA A 75 -19.85 -35.75 9.95
C ALA A 75 -18.86 -34.63 9.65
N GLU A 76 -17.80 -34.92 8.90
CA GLU A 76 -16.84 -33.89 8.46
C GLU A 76 -17.56 -32.83 7.60
N LEU A 77 -18.48 -33.27 6.74
CA LEU A 77 -19.23 -32.32 5.93
C LEU A 77 -20.06 -31.36 6.78
N LYS A 78 -20.70 -31.91 7.81
CA LYS A 78 -21.67 -31.21 8.63
C LYS A 78 -20.92 -30.21 9.50
N VAL A 79 -19.75 -30.60 9.99
CA VAL A 79 -18.95 -29.72 10.84
C VAL A 79 -18.44 -28.48 10.08
N LYS A 80 -17.91 -28.71 8.88
CA LYS A 80 -17.43 -27.67 8.00
C LYS A 80 -18.58 -26.74 7.70
N ALA A 81 -19.69 -27.29 7.19
CA ALA A 81 -20.89 -26.50 6.88
C ALA A 81 -21.28 -25.52 7.98
N LEU A 83 -19.59 -24.54 10.55
CA LEU A 83 -18.50 -23.74 11.10
C LEU A 83 -18.57 -22.40 10.37
N LEU A 84 -18.92 -22.49 9.09
CA LEU A 84 -18.80 -21.41 8.12
C LEU A 84 -19.66 -20.23 8.53
N PRO A 85 -19.05 -19.04 8.69
CA PRO A 85 -19.84 -17.83 8.99
C PRO A 85 -20.82 -17.59 7.85
N LYS A 86 -22.00 -17.01 8.15
CA LYS A 86 -22.90 -16.52 7.09
C LYS A 86 -22.46 -15.11 6.67
N VAL A 87 -22.20 -14.88 5.38
CA VAL A 87 -21.63 -13.61 4.95
C VAL A 87 -22.60 -12.83 4.08
N LYS A 88 -23.05 -11.68 4.57
CA LYS A 88 -23.97 -10.89 3.77
C LYS A 88 -23.26 -9.84 2.90
N ARG A 89 -22.04 -9.47 3.27
CA ARG A 89 -21.37 -8.37 2.61
C ARG A 89 -19.86 -8.35 2.85
N ILE A 90 -19.12 -8.00 1.82
CA ILE A 90 -17.68 -7.93 1.88
C ILE A 90 -17.19 -6.56 1.40
N TYR A 91 -16.35 -5.93 2.21
CA TYR A 91 -15.70 -4.68 1.86
C TYR A 91 -14.20 -4.97 1.72
N LEU A 92 -13.59 -4.45 0.65
CA LEU A 92 -12.16 -4.64 0.37
C LEU A 92 -11.65 -3.52 -0.52
N ALA A 93 -10.35 -3.32 -0.56
CA ALA A 93 -9.74 -2.38 -1.45
C ALA A 93 -10.05 -2.82 -2.88
N SER A 94 -10.08 -1.88 -3.81
CA SER A 94 -10.50 -2.19 -5.17
C SER A 94 -9.58 -3.26 -5.79
N LEU A 95 -8.25 -3.14 -5.64
CA LEU A 95 -7.33 -4.17 -6.21
C LEU A 95 -7.31 -5.53 -5.45
N GLU A 96 -7.82 -5.56 -4.23
CA GLU A 96 -8.01 -6.85 -3.56
C GLU A 96 -9.13 -7.68 -4.25
N LYS A 97 -9.96 -7.06 -5.11
CA LYS A 97 -10.86 -7.86 -5.97
C LYS A 97 -10.05 -8.78 -6.88
N VAL A 98 -8.80 -8.41 -7.13
CA VAL A 98 -7.91 -9.23 -7.93
C VAL A 98 -7.21 -10.25 -7.06
N SER A 99 -6.58 -9.80 -5.98
CA SER A 99 -5.75 -10.72 -5.22
C SER A 99 -6.58 -11.66 -4.33
N ILE A 100 -7.82 -11.30 -3.98
CA ILE A 100 -8.62 -12.25 -3.24
C ILE A 100 -9.87 -12.67 -3.97
N ALA A 101 -9.83 -12.50 -5.29
CA ALA A 101 -10.87 -13.04 -6.22
C ALA A 101 -11.42 -14.38 -5.85
N ALA A 102 -10.53 -15.31 -5.53
CA ALA A 102 -10.90 -16.71 -5.34
C ALA A 102 -11.77 -16.87 -4.13
N PHE A 103 -11.41 -16.12 -3.09
CA PHE A 103 -12.23 -16.10 -1.89
C PHE A 103 -13.59 -15.40 -2.15
N LEU A 104 -13.61 -14.30 -2.87
CA LEU A 104 -14.91 -13.67 -3.18
C LEU A 104 -15.84 -14.64 -3.89
N SER A 105 -15.28 -15.42 -4.83
CA SER A 105 -16.12 -16.31 -5.61
C SER A 105 -16.86 -17.33 -4.71
N THR A 106 -16.37 -17.57 -3.48
CA THR A 106 -17.01 -18.57 -2.61
C THR A 106 -18.25 -18.06 -1.85
N TYR A 107 -18.55 -16.75 -2.05
CA TYR A 107 -19.70 -16.06 -1.51
C TYR A 107 -20.38 -15.30 -2.63
N PRO A 108 -20.95 -16.03 -3.62
CA PRO A 108 -21.48 -15.32 -4.80
C PRO A 108 -22.67 -14.43 -4.47
N ASP A 109 -23.33 -14.69 -3.34
CA ASP A 109 -24.53 -13.93 -2.97
C ASP A 109 -24.18 -12.77 -2.06
N ALA A 110 -22.92 -12.66 -1.64
CA ALA A 110 -22.55 -11.52 -0.79
C ALA A 110 -22.60 -10.23 -1.62
N GLU A 111 -23.07 -9.14 -1.02
CA GLU A 111 -22.91 -7.80 -1.62
C GLU A 111 -21.44 -7.37 -1.47
N ILE A 112 -20.86 -6.83 -2.53
CA ILE A 112 -19.46 -6.45 -2.50
C ILE A 112 -19.32 -4.94 -2.63
N LYS A 113 -18.51 -4.31 -1.78
CA LYS A 113 -18.23 -2.87 -1.93
C LYS A 113 -16.74 -2.66 -1.79
N THR A 114 -16.20 -1.64 -2.45
CA THR A 114 -14.77 -1.41 -2.46
C THR A 114 -14.43 -0.04 -1.90
N PHE A 115 -13.16 0.10 -1.52
CA PHE A 115 -12.58 1.37 -1.17
C PHE A 115 -11.20 1.52 -1.83
N ASP A 116 -10.71 2.76 -1.89
CA ASP A 116 -9.46 3.06 -2.55
C ASP A 116 -8.36 2.22 -1.94
N ASP A 117 -7.50 1.68 -2.79
CA ASP A 117 -6.26 1.08 -2.34
C ASP A 117 -5.34 2.15 -1.74
N GLY A 118 -5.35 3.35 -2.32
CA GLY A 118 -4.43 4.41 -1.96
C GLY A 118 -4.42 5.39 -3.11
N THR A 119 -3.35 6.19 -3.26
CA THR A 119 -3.31 7.15 -4.40
C THR A 119 -3.23 6.47 -5.77
N ILE A 120 -2.92 5.17 -5.83
CA ILE A 120 -2.96 4.45 -7.13
C ILE A 120 -4.36 4.61 -7.79
N ASN A 121 -5.43 4.81 -7.03
CA ASN A 121 -6.80 4.99 -7.61
C ASN A 121 -6.97 6.31 -8.39
N LEU A 122 -6.02 7.25 -8.20
CA LEU A 122 -6.08 8.59 -8.84
C LEU A 122 -5.46 8.64 -10.22
N ILE A 123 -4.82 7.55 -10.66
CA ILE A 123 -4.35 7.49 -12.03
C ILE A 123 -5.48 6.99 -12.92
N GLN A 124 -5.99 7.87 -13.76
CA GLN A 124 -7.04 7.45 -14.67
C GLN A 124 -6.53 6.50 -15.74
N SER A 125 -7.43 5.67 -16.20
CA SER A 125 -7.22 4.63 -17.19
C SER A 125 -6.45 5.10 -18.43
N SER A 126 -6.77 6.26 -18.98
CA SER A 126 -6.06 6.78 -20.16
C SER A 126 -4.56 7.01 -19.94
N SER A 127 -4.15 7.31 -18.70
CA SER A 127 -2.76 7.68 -18.42
C SER A 127 -1.84 6.50 -18.60
N TYR A 128 -2.39 5.31 -18.43
CA TYR A 128 -1.61 4.10 -18.61
C TYR A 128 -1.28 3.86 -20.08
N LEU A 129 -1.94 4.60 -20.99
CA LEU A 129 -1.63 4.58 -22.41
C LEU A 129 -0.68 5.70 -22.78
N GLY A 130 -0.12 6.40 -21.79
CA GLY A 130 0.66 7.62 -22.08
C GLY A 130 1.96 7.16 -22.68
N ASP A 131 2.72 8.07 -23.28
CA ASP A 131 3.98 7.73 -23.93
C ASP A 131 4.99 7.28 -22.92
N GLU A 132 4.90 7.86 -21.73
CA GLU A 132 5.69 7.46 -20.59
C GLU A 132 5.67 5.96 -20.33
N PHE A 133 4.56 5.30 -20.66
CA PHE A 133 4.37 3.87 -20.38
C PHE A 133 4.35 2.99 -21.63
N SER A 134 4.67 3.55 -22.80
CA SER A 134 4.57 2.73 -24.00
C SER A 134 5.84 2.37 -24.77
N VAL A 135 7.02 2.52 -24.17
CA VAL A 135 8.25 1.88 -24.67
C VAL A 135 8.26 0.37 -24.32
N ASN A 136 8.29 -0.52 -25.31
CA ASN A 136 8.27 -1.98 -25.02
C ASN A 136 9.50 -2.51 -24.27
N GLY A 137 9.28 -3.48 -23.38
CA GLY A 137 10.36 -4.02 -22.55
C GLY A 137 10.79 -3.19 -21.32
N THR A 138 10.30 -1.95 -21.20
CA THR A 138 10.66 -1.12 -20.07
C THR A 138 9.92 -1.58 -18.79
N ILE A 139 10.47 -1.23 -17.62
CA ILE A 139 9.83 -1.48 -16.36
C ILE A 139 8.48 -0.70 -16.30
N LYS A 140 8.44 0.49 -16.90
CA LYS A 140 7.24 1.33 -16.95
C LYS A 140 6.10 0.76 -17.79
N ARG A 141 6.40 0.25 -18.99
CA ARG A 141 5.46 -0.56 -19.78
C ARG A 141 4.87 -1.74 -19.00
N ASN A 142 5.73 -2.58 -18.41
CA ASN A 142 5.25 -3.76 -17.66
C ASN A 142 4.37 -3.37 -16.49
N PHE A 143 4.73 -2.30 -15.80
CA PHE A 143 3.90 -1.77 -14.73
C PHE A 143 2.48 -1.42 -15.25
N ALA A 144 2.43 -0.68 -16.36
CA ALA A 144 1.16 -0.22 -16.92
C ALA A 144 0.29 -1.36 -17.41
N ARG A 145 0.93 -2.34 -18.02
CA ARG A 145 0.30 -3.57 -18.50
C ARG A 145 -0.36 -4.35 -17.36
N ILE A 148 -3.29 -2.15 -16.12
CA ILE A 148 -4.46 -2.26 -17.04
C ILE A 148 -5.24 -3.57 -16.80
N GLY A 149 -4.53 -4.69 -16.70
CA GLY A 149 -5.16 -6.00 -16.46
C GLY A 149 -5.85 -6.05 -15.12
N ASP A 150 -5.23 -5.50 -14.07
CA ASP A 150 -5.81 -5.56 -12.72
C ASP A 150 -7.05 -4.66 -12.58
N TRP A 151 -7.00 -3.45 -13.11
CA TRP A 151 -8.17 -2.59 -13.06
C TRP A 151 -9.33 -3.20 -13.85
N SER A 152 -9.00 -3.86 -14.96
CA SER A 152 -10.04 -4.48 -15.79
C SER A 152 -10.74 -5.58 -15.01
N ILE A 153 -9.97 -6.46 -14.37
CA ILE A 153 -10.61 -7.47 -13.53
C ILE A 153 -11.32 -6.86 -12.31
N ALA A 154 -10.72 -5.90 -11.60
CA ALA A 154 -11.42 -5.20 -10.48
C ALA A 154 -12.74 -4.54 -10.88
N LYS A 155 -12.78 -3.95 -12.07
CA LYS A 155 -14.02 -3.34 -12.52
C LYS A 155 -15.09 -4.32 -13.07
N THR A 156 -14.70 -5.40 -13.72
CA THR A 156 -15.66 -6.20 -14.51
C THR A 156 -16.01 -7.58 -13.94
N ARG A 157 -15.25 -8.07 -12.96
CA ARG A 157 -15.58 -9.37 -12.33
C ARG A 157 -16.17 -9.13 -10.95
N ASN A 158 -16.81 -10.16 -10.40
CA ASN A 158 -17.40 -10.08 -9.08
C ASN A 158 -18.07 -8.71 -8.81
N ALA A 159 -19.07 -8.36 -9.63
CA ALA A 159 -19.77 -7.06 -9.55
C ALA A 159 -19.87 -6.49 -8.12
N SER A 160 -19.40 -5.25 -7.97
CA SER A 160 -19.49 -4.58 -6.66
C SER A 160 -20.21 -3.29 -6.94
N ASP A 161 -21.14 -2.92 -6.07
CA ASP A 161 -22.08 -1.86 -6.47
C ASP A 161 -21.68 -0.47 -5.95
N GLU A 162 -20.64 -0.38 -5.11
CA GLU A 162 -20.28 0.90 -4.53
C GLU A 162 -18.77 1.00 -4.32
N HIS A 163 -18.22 2.20 -4.55
CA HIS A 163 -16.83 2.46 -4.24
C HIS A 163 -16.62 3.70 -3.34
N TYR A 164 -16.00 3.47 -2.17
CA TYR A 164 -15.57 4.57 -1.27
C TYR A 164 -14.22 5.18 -1.62
N THR A 165 -14.19 6.48 -1.89
CA THR A 165 -12.93 7.15 -2.10
C THR A 165 -12.68 8.15 -0.97
N ILE A 166 -11.45 8.26 -0.54
CA ILE A 166 -11.10 9.28 0.46
C ILE A 166 -10.63 10.60 -0.18
N PHE A 167 -10.64 10.71 -1.49
CA PHE A 167 -10.14 11.93 -2.13
C PHE A 167 -11.29 12.73 -2.79
N LYS A 168 -11.47 13.96 -2.30
CA LYS A 168 -12.56 14.84 -2.74
C LYS A 168 -12.16 15.49 -4.07
N GLY A 169 -13.06 15.52 -5.04
CA GLY A 169 -12.79 16.26 -6.29
C GLY A 169 -11.60 15.80 -7.13
N LEU A 170 -11.22 14.52 -7.02
CA LEU A 170 -10.20 13.97 -7.93
C LEU A 170 -10.78 12.72 -8.53
N LYS A 171 -10.73 12.63 -9.87
CA LYS A 171 -11.36 11.53 -10.60
C LYS A 171 -10.74 10.16 -10.23
N ASN A 172 -11.60 9.21 -9.89
CA ASN A 172 -11.17 7.88 -9.53
C ASN A 172 -11.16 6.93 -10.73
N ILE A 173 -10.12 6.13 -10.90
CA ILE A 173 -10.15 5.01 -11.87
C ILE A 173 -11.37 4.08 -11.69
N ASP A 175 -14.41 5.09 -11.04
CA ASP A 175 -15.61 5.85 -11.49
C ASP A 175 -15.88 5.54 -12.97
N ASP A 176 -16.52 4.42 -13.22
CA ASP A 176 -16.56 3.84 -14.56
C ASP A 176 -18.01 3.63 -15.00
N GLY A 177 -18.94 4.18 -14.21
CA GLY A 177 -20.36 4.03 -14.49
C GLY A 177 -20.98 2.71 -14.02
N ARG A 178 -20.16 1.79 -13.50
CA ARG A 178 -20.68 0.47 -13.04
C ARG A 178 -21.04 0.46 -11.54
N ARG A 179 -20.89 1.57 -10.84
CA ARG A 179 -21.01 1.53 -9.37
C ARG A 179 -21.30 2.93 -8.87
N LYS A 180 -21.88 3.03 -7.67
CA LYS A 180 -21.98 4.33 -6.99
C LYS A 180 -20.64 4.77 -6.40
N THR A 182 -18.72 7.03 -3.64
CA THR A 182 -19.03 7.69 -2.37
C THR A 182 -17.78 8.32 -1.81
N TYR A 183 -17.86 9.61 -1.61
CA TYR A 183 -16.77 10.31 -0.92
C TYR A 183 -16.82 9.92 0.58
N LEU A 184 -15.74 9.39 1.13
CA LEU A 184 -15.70 9.08 2.58
C LEU A 184 -14.53 9.87 3.19
N PRO A 185 -14.81 11.05 3.79
CA PRO A 185 -13.71 11.84 4.35
C PRO A 185 -13.12 11.20 5.62
N LEU A 186 -11.86 10.77 5.63
CA LEU A 186 -11.26 10.09 6.79
C LEU A 186 -11.07 10.97 8.00
N PHE A 187 -10.80 12.24 7.76
CA PHE A 187 -10.28 13.11 8.79
C PHE A 187 -11.21 14.22 9.18
N ASP A 188 -11.55 14.29 10.48
CA ASP A 188 -12.43 15.37 10.94
C ASP A 188 -11.56 16.50 11.47
N ALA A 189 -11.56 17.59 10.73
CA ALA A 189 -10.85 18.81 11.08
C ALA A 189 -11.83 19.94 11.48
N SER A 190 -13.01 19.56 11.98
CA SER A 190 -14.05 20.55 12.32
C SER A 190 -14.05 21.07 13.74
N GLU A 191 -13.39 20.37 14.65
CA GLU A 191 -13.64 20.65 16.06
C GLU A 191 -12.36 21.08 16.73
N LEU A 192 -11.51 21.73 15.94
CA LEU A 192 -10.14 21.97 16.32
C LEU A 192 -10.02 23.32 16.98
N LYS A 193 -10.96 24.20 16.61
CA LYS A 193 -10.95 25.61 17.02
C LYS A 193 -9.59 26.29 16.71
N ALA A 194 -9.09 26.05 15.50
CA ALA A 194 -7.89 26.73 15.00
C ALA A 194 -8.14 28.23 14.86
N GLY A 195 -7.14 29.03 15.21
CA GLY A 195 -7.24 30.47 15.06
C GLY A 195 -6.12 30.99 14.21
N ASP A 196 -5.85 32.30 14.32
CA ASP A 196 -4.82 32.97 13.54
C ASP A 196 -3.47 32.45 13.90
N GLU A 197 -2.59 32.39 12.90
CA GLU A 197 -1.22 31.90 13.08
C GLU A 197 -0.35 33.00 13.68
N THR A 198 -0.44 33.10 15.01
CA THR A 198 0.17 34.19 15.74
C THR A 198 1.23 33.60 16.67
N GLY A 199 1.36 32.27 16.69
CA GLY A 199 2.44 31.61 17.42
C GLY A 199 3.61 31.32 16.50
N GLY A 200 4.41 30.32 16.86
CA GLY A 200 5.54 29.94 16.00
C GLY A 200 5.14 29.17 14.74
N THR A 201 6.19 28.72 14.03
CA THR A 201 6.05 27.88 12.87
C THR A 201 6.69 26.57 13.19
N VAL A 202 5.97 25.48 12.96
CA VAL A 202 6.60 24.15 13.16
C VAL A 202 6.72 23.53 11.77
N ARG A 203 7.93 23.10 11.44
CA ARG A 203 8.19 22.47 10.17
C ARG A 203 8.48 20.99 10.37
N ILE A 204 7.75 20.15 9.62
CA ILE A 204 7.93 18.71 9.64
C ILE A 204 8.18 18.20 8.21
N LEU A 205 9.23 17.40 8.06
CA LEU A 205 9.50 16.65 6.84
C LEU A 205 8.79 15.30 6.91
N LEU A 206 8.10 14.92 5.83
CA LEU A 206 7.58 13.58 5.74
C LEU A 206 8.67 12.61 5.32
N GLY A 207 9.06 11.71 6.24
CA GLY A 207 10.07 10.71 5.87
C GLY A 207 9.66 9.90 4.64
N SER A 208 10.63 9.54 3.82
CA SER A 208 10.41 8.56 2.72
C SER A 208 10.68 7.13 3.23
N PRO A 209 9.85 6.14 2.82
CA PRO A 209 10.12 4.75 3.19
C PRO A 209 11.37 4.16 2.48
N ASP A 210 11.92 4.86 1.50
CA ASP A 210 13.06 4.36 0.75
C ASP A 210 14.43 4.85 1.26
N LYS A 211 15.27 3.91 1.67
CA LYS A 211 16.58 4.22 2.19
C LYS A 211 17.38 5.10 1.23
N GLU A 212 17.22 4.96 -0.09
CA GLU A 212 18.00 5.82 -1.02
C GLU A 212 17.69 7.33 -0.93
N LYS A 214 17.60 8.92 1.80
CA LYS A 214 18.17 9.40 3.08
C LYS A 214 18.95 10.69 2.96
N GLU A 215 19.96 10.72 2.09
CA GLU A 215 20.83 11.90 1.92
C GLU A 215 19.99 13.11 1.43
N ILE A 216 19.13 12.91 0.45
CA ILE A 216 18.31 14.01 -0.06
C ILE A 216 17.39 14.59 1.04
N SER A 217 16.83 13.71 1.90
CA SER A 217 16.03 14.12 3.07
C SER A 217 16.81 14.97 4.08
N GLU A 218 18.02 14.55 4.41
CA GLU A 218 18.88 15.32 5.37
C GLU A 218 19.20 16.67 4.79
N LYS A 219 19.51 16.73 3.50
CA LYS A 219 19.74 18.00 2.79
C LYS A 219 18.50 18.90 2.76
N ALA A 220 17.32 18.32 2.54
CA ALA A 220 16.07 19.09 2.64
C ALA A 220 15.91 19.70 4.00
N ALA A 221 16.17 18.93 5.05
CA ALA A 221 15.99 19.46 6.41
C ALA A 221 16.91 20.65 6.63
N LYS A 222 18.15 20.56 6.14
CA LYS A 222 19.12 21.63 6.34
C LYS A 222 18.72 22.85 5.50
N ASN A 223 18.38 22.61 4.23
CA ASN A 223 18.11 23.65 3.28
C ASN A 223 16.94 24.54 3.69
N PHE A 224 15.86 23.93 4.19
CA PHE A 224 14.59 24.61 4.44
C PHE A 224 14.43 24.83 5.91
N ASN A 225 15.47 24.55 6.67
CA ASN A 225 15.44 24.64 8.13
C ASN A 225 14.25 23.89 8.78
N ILE A 226 14.18 22.59 8.53
CA ILE A 226 13.13 21.74 9.11
C ILE A 226 13.66 21.01 10.35
N GLN A 227 13.02 21.27 11.50
CA GLN A 227 13.52 20.71 12.71
C GLN A 227 13.08 19.24 12.92
N TYR A 228 11.89 18.89 12.41
CA TYR A 228 11.35 17.54 12.66
C TYR A 228 11.14 16.70 11.44
N VAL A 229 11.18 15.37 11.62
CA VAL A 229 10.82 14.40 10.57
C VAL A 229 9.74 13.46 11.13
N ALA A 230 8.66 13.29 10.37
CA ALA A 230 7.63 12.27 10.68
C ALA A 230 7.97 11.10 9.80
N PRO A 231 8.43 9.98 10.41
CA PRO A 231 8.93 8.89 9.60
C PRO A 231 7.76 8.15 8.92
N HIS A 232 7.99 7.65 7.71
CA HIS A 232 6.97 6.87 7.04
C HIS A 232 6.68 5.57 7.84
N PRO A 233 5.40 5.15 7.95
CA PRO A 233 5.13 3.88 8.62
C PRO A 233 6.01 2.69 8.17
N ARG A 234 6.44 2.65 6.90
CA ARG A 234 7.30 1.54 6.40
C ARG A 234 8.77 1.90 6.47
N GLN A 235 9.08 3.07 7.03
CA GLN A 235 10.44 3.58 7.07
C GLN A 235 11.23 2.91 8.15
N THR A 236 12.45 2.53 7.80
CA THR A 236 13.18 1.63 8.66
C THR A 236 14.61 2.11 8.99
N TYR A 237 14.99 3.29 8.50
CA TYR A 237 16.33 3.87 8.76
C TYR A 237 16.15 5.25 9.38
N GLY A 238 17.23 5.83 9.90
CA GLY A 238 17.14 7.12 10.57
C GLY A 238 17.71 8.27 9.76
N LEU A 239 17.30 9.47 10.13
CA LEU A 239 17.85 10.68 9.58
C LEU A 239 18.68 11.33 10.66
N SER A 240 19.80 11.89 10.23
CA SER A 240 20.76 12.53 11.10
C SER A 240 20.56 14.04 11.00
N GLY A 241 20.75 14.74 12.12
CA GLY A 241 20.58 16.19 12.17
C GLY A 241 19.13 16.69 12.14
N VAL A 242 18.17 15.80 12.37
CA VAL A 242 16.76 16.16 12.40
C VAL A 242 16.18 15.40 13.57
N THR A 243 15.20 15.97 14.27
CA THR A 243 14.55 15.26 15.34
C THR A 243 13.43 14.38 14.79
N THR A 244 13.49 13.07 15.06
CA THR A 244 12.46 12.17 14.60
C THR A 244 11.31 12.17 15.57
N LEU A 245 10.10 12.35 15.05
CA LEU A 245 8.91 12.24 15.87
C LEU A 245 8.54 10.76 16.01
N ASN A 246 8.50 10.28 17.25
CA ASN A 246 8.19 8.89 17.57
C ASN A 246 6.75 8.83 18.06
N SER A 247 5.89 8.17 17.30
CA SER A 247 4.48 8.20 17.56
C SER A 247 3.79 7.01 16.91
N PRO A 248 2.74 6.45 17.57
CA PRO A 248 1.87 5.43 16.98
C PRO A 248 0.97 6.02 15.88
N TYR A 249 0.88 7.35 15.80
CA TYR A 249 -0.04 7.93 14.80
C TYR A 249 0.55 8.05 13.42
N VAL A 250 -0.32 7.98 12.40
CA VAL A 250 0.13 8.50 11.09
C VAL A 250 0.04 10.01 11.14
N ILE A 251 0.69 10.66 10.18
CA ILE A 251 0.89 12.10 10.26
C ILE A 251 -0.41 12.84 10.33
N GLU A 252 -1.42 12.42 9.58
CA GLU A 252 -2.70 13.19 9.63
C GLU A 252 -3.30 13.24 11.06
N ASP A 253 -3.30 12.09 11.75
CA ASP A 253 -3.87 12.06 13.10
C ASP A 253 -3.00 12.83 14.10
N TYR A 254 -1.68 12.68 13.98
CA TYR A 254 -0.75 13.45 14.76
C TYR A 254 -1.04 14.93 14.54
N ILE A 255 -1.19 15.38 13.28
CA ILE A 255 -1.31 16.80 13.07
C ILE A 255 -2.64 17.39 13.61
N LEU A 256 -3.74 16.66 13.44
CA LEU A 256 -5.04 17.05 14.04
C LEU A 256 -4.94 17.27 15.58
N ARG A 257 -4.33 16.31 16.27
CA ARG A 257 -4.13 16.43 17.71
C ARG A 257 -3.27 17.67 18.04
N GLU A 258 -2.20 17.92 17.29
CA GLU A 258 -1.39 19.14 17.46
C GLU A 258 -2.11 20.46 17.19
N ILE A 259 -2.90 20.53 16.13
CA ILE A 259 -3.65 21.75 15.88
C ILE A 259 -4.61 22.06 17.03
N LYS A 260 -5.35 21.06 17.51
CA LYS A 260 -6.23 21.27 18.67
C LYS A 260 -5.52 21.80 19.95
N LYS A 261 -4.37 21.20 20.30
CA LYS A 261 -3.52 21.68 21.40
C LYS A 261 -2.85 23.02 21.12
N ASN A 262 -2.53 23.29 19.86
CA ASN A 262 -1.75 24.48 19.49
C ASN A 262 -2.48 25.27 18.41
N PRO A 263 -3.63 25.88 18.74
CA PRO A 263 -4.50 26.47 17.69
C PRO A 263 -3.95 27.71 17.03
N HIS A 264 -2.80 28.21 17.46
CA HIS A 264 -2.24 29.40 16.82
C HIS A 264 -0.91 29.08 16.10
N THR A 265 -0.50 27.82 16.09
CA THR A 265 0.76 27.44 15.46
C THR A 265 0.59 27.20 13.94
N ARG A 266 1.55 27.70 13.17
CA ARG A 266 1.66 27.41 11.74
C ARG A 266 2.38 26.10 11.51
N TYR A 267 1.70 25.13 10.92
CA TYR A 267 2.38 23.88 10.58
C TYR A 267 2.71 23.82 9.11
N GLU A 268 3.98 23.55 8.80
CA GLU A 268 4.38 23.36 7.43
C GLU A 268 4.87 21.95 7.24
N ILE A 269 4.35 21.29 6.18
CA ILE A 269 4.65 19.92 5.89
C ILE A 269 5.36 19.86 4.53
N TYR A 270 6.57 19.27 4.55
CA TYR A 270 7.45 19.14 3.38
C TYR A 270 7.50 17.65 3.01
N THR A 271 7.36 17.34 1.73
CA THR A 271 7.21 15.97 1.30
C THR A 271 7.70 15.77 -0.14
N PHE A 272 8.39 14.64 -0.35
CA PHE A 272 8.69 14.13 -1.70
C PHE A 272 7.47 13.44 -2.27
N PHE A 273 6.40 14.22 -2.42
CA PHE A 273 5.19 13.74 -3.11
C PHE A 273 4.40 12.62 -2.40
N SER A 274 4.33 12.69 -1.06
CA SER A 274 3.54 11.72 -0.30
C SER A 274 2.05 11.92 -0.51
N GLY A 275 1.29 10.82 -0.60
CA GLY A 275 -0.17 10.92 -0.62
C GLY A 275 -0.78 11.73 0.52
N ALA A 276 -0.06 11.85 1.65
CA ALA A 276 -0.47 12.74 2.79
C ALA A 276 -0.64 14.22 2.41
N ALA A 277 0.05 14.66 1.38
CA ALA A 277 -0.18 16.01 0.91
C ALA A 277 -1.63 16.15 0.47
N LEU A 278 -2.21 15.10 -0.11
CA LEU A 278 -3.59 15.15 -0.65
C LEU A 278 -4.67 15.04 0.43
N THR A 279 -4.44 14.23 1.46
CA THR A 279 -5.39 14.15 2.55
C THR A 279 -5.35 15.34 3.47
N LYS A 281 -4.46 18.70 2.59
CA LYS A 281 -4.31 20.01 1.93
C LYS A 281 -5.22 21.07 2.58
N ASP A 282 -6.42 20.64 2.97
CA ASP A 282 -7.42 21.54 3.57
C ASP A 282 -7.47 21.62 5.12
N PHE A 283 -6.49 21.03 5.80
CA PHE A 283 -6.43 21.15 7.26
C PHE A 283 -6.12 22.63 7.56
N PRO A 284 -6.77 23.24 8.60
CA PRO A 284 -6.41 24.63 8.95
C PRO A 284 -5.03 24.71 9.53
N ASN A 285 -4.38 25.86 9.29
CA ASN A 285 -3.02 26.11 9.76
C ASN A 285 -1.96 25.08 9.30
N VAL A 286 -2.27 24.35 8.23
CA VAL A 286 -1.37 23.34 7.65
C VAL A 286 -1.03 23.80 6.24
N HIS A 287 0.24 23.88 5.94
CA HIS A 287 0.72 24.39 4.65
C HIS A 287 1.68 23.34 4.10
N VAL A 288 1.29 22.75 2.98
CA VAL A 288 2.01 21.59 2.39
C VAL A 288 2.87 22.02 1.21
N TYR A 289 4.11 21.54 1.14
CA TYR A 289 5.02 21.74 0.01
C TYR A 289 5.61 20.40 -0.51
N ALA A 290 5.48 20.14 -1.81
CA ALA A 290 6.14 19.00 -2.43
C ALA A 290 7.57 19.39 -2.79
N LEU A 291 8.54 18.52 -2.56
CA LEU A 291 9.94 18.84 -2.92
C LEU A 291 10.44 17.99 -4.08
N LYS A 292 11.04 18.65 -5.09
CA LYS A 292 11.48 17.94 -6.29
C LYS A 292 12.94 18.20 -6.39
N PRO A 293 13.74 17.26 -5.89
CA PRO A 293 15.19 17.34 -5.89
C PRO A 293 15.76 17.31 -7.33
N ALA A 294 16.59 18.30 -7.61
CA ALA A 294 17.19 18.52 -8.95
C ALA A 294 18.11 17.40 -9.32
N SER A 295 18.62 16.69 -8.33
CA SER A 295 19.58 15.65 -8.68
C SER A 295 18.90 14.35 -9.17
N LEU A 296 17.56 14.29 -9.10
CA LEU A 296 16.82 13.15 -9.62
C LEU A 296 16.34 13.44 -11.04
N PRO A 297 16.33 12.41 -11.92
CA PRO A 297 15.74 12.63 -13.25
C PRO A 297 14.32 13.18 -13.15
N GLU A 298 13.92 14.00 -14.12
CA GLU A 298 12.56 14.53 -14.19
C GLU A 298 11.47 13.43 -14.12
N ASP A 299 11.80 12.23 -14.58
CA ASP A 299 10.82 11.15 -14.65
C ASP A 299 10.92 10.18 -13.46
N TYR A 300 11.56 10.61 -12.39
CA TYR A 300 11.64 9.81 -11.18
C TYR A 300 10.23 9.61 -10.60
N TRP A 301 9.38 10.65 -10.66
CA TRP A 301 7.98 10.52 -10.34
C TRP A 301 7.19 10.46 -11.63
N LEU A 302 6.13 9.67 -11.67
CA LEU A 302 5.36 9.51 -12.90
C LEU A 302 4.60 10.81 -13.14
N LYS A 303 4.38 11.13 -14.40
CA LYS A 303 3.75 12.41 -14.76
C LYS A 303 2.41 12.69 -14.06
N PRO A 304 1.54 11.67 -13.88
CA PRO A 304 0.29 11.87 -13.16
C PRO A 304 0.50 12.42 -11.74
N VAL A 305 1.66 12.14 -11.12
CA VAL A 305 1.93 12.71 -9.80
C VAL A 305 1.96 14.23 -9.81
N TYR A 306 2.65 14.80 -10.80
CA TYR A 306 2.81 16.25 -10.90
C TYR A 306 1.46 16.89 -11.19
N ALA A 307 0.71 16.30 -12.12
CA ALA A 307 -0.62 16.80 -12.44
C ALA A 307 -1.53 16.73 -11.24
N LEU A 308 -1.49 15.66 -10.46
CA LEU A 308 -2.40 15.58 -9.31
C LEU A 308 -2.05 16.60 -8.24
N PHE A 309 -0.77 16.84 -8.04
CA PHE A 309 -0.34 17.83 -7.06
C PHE A 309 -0.70 19.24 -7.50
N THR A 310 -0.48 19.57 -8.77
CA THR A 310 -0.80 20.93 -9.14
C THR A 310 -2.31 21.14 -9.23
N GLN A 311 -3.02 20.12 -9.70
CA GLN A 311 -4.50 20.18 -9.66
C GLN A 311 -5.04 20.40 -8.23
N SER A 312 -4.37 19.81 -7.24
CA SER A 312 -4.73 20.02 -5.84
C SER A 312 -4.19 21.32 -5.21
N GLY A 313 -3.62 22.23 -5.99
CA GLY A 313 -3.06 23.47 -5.42
C GLY A 313 -1.89 23.26 -4.44
N ILE A 314 -1.14 22.16 -4.59
CA ILE A 314 0.04 21.98 -3.74
C ILE A 314 1.28 22.49 -4.46
N PRO A 315 1.99 23.46 -3.84
CA PRO A 315 3.18 23.99 -4.52
C PRO A 315 4.22 22.89 -4.67
N ILE A 316 4.88 22.88 -5.81
CA ILE A 316 6.02 22.01 -6.09
C ILE A 316 7.29 22.85 -6.12
N LEU A 317 8.19 22.61 -5.19
CA LEU A 317 9.43 23.41 -5.08
C LEU A 317 10.59 22.63 -5.67
N THR A 318 11.24 23.22 -6.65
CA THR A 318 12.50 22.68 -7.14
C THR A 318 13.57 22.86 -6.04
N PHE A 319 14.19 21.76 -5.66
CA PHE A 319 15.17 21.88 -4.62
C PHE A 319 16.55 21.46 -5.16
N ASP A 320 17.48 22.40 -5.22
CA ASP A 320 18.84 22.11 -5.71
C ASP A 320 19.70 21.43 -4.65
N ASP A 321 19.45 20.13 -4.44
CA ASP A 321 20.09 19.41 -3.32
C ASP A 321 21.60 19.36 -3.45
N LYS A 322 22.11 19.45 -4.67
CA LYS A 322 23.54 19.40 -4.87
C LYS A 322 24.22 20.68 -4.38
N LEU A 323 23.47 21.77 -4.24
CA LEU A 323 23.97 23.01 -3.58
C LEU A 323 24.05 22.95 -2.04
N VAL A 324 23.71 21.81 -1.44
CA VAL A 324 23.67 21.66 0.02
C VAL A 324 24.80 20.72 0.50
N PRO A 325 25.67 21.17 1.43
CA PRO A 325 26.85 20.34 1.84
C PRO A 325 26.55 18.96 2.46
N ARG A 326 27.50 18.02 2.28
CA ARG A 326 27.49 16.66 2.88
C ARG A 326 26.88 15.63 1.97
#